data_8HET
#
_entry.id   8HET
#
_cell.length_a   46.542
_cell.length_b   47.705
_cell.length_c   100.362
_cell.angle_alpha   90.00
_cell.angle_beta   90.00
_cell.angle_gamma   90.00
#
_symmetry.space_group_name_H-M   'P 21 21 21'
#
loop_
_entity.id
_entity.type
_entity.pdbx_description
1 polymer 'Procathepsin L'
2 non-polymer 'ethyl (3S)-3-hydroxy-4-({(2S)-4-methyl-1-[(3-methylbutyl)amino]-1-oxopentan-2-yl}amino)-4-oxobutanoate'
3 water water
#
_entity_poly.entity_id   1
_entity_poly.type   'polypeptide(L)'
_entity_poly.pdbx_seq_one_letter_code
;APRSVDWREKGYVTPVKNQGQCGSCWAFSATGALEGQMFRKTGRLISLSEQNLVDCSGPQGNEGCNGGLMDYAFQYVQDN
GGLDSEESYPYEATEESCKYNPKYSVANDTGFVDIPKQEKALMKAVATVGPISVAIDAGHESFLFYKEGIYFEPDCSSED
MDHGVLVVGYGFESTESDNNKYWLVKNSWGEEWGMGGYVKMAKDRRNHCGIASAASYPTV
;
_entity_poly.pdbx_strand_id   A
#
loop_
_chem_comp.id
_chem_comp.type
_chem_comp.name
_chem_comp.formula
E6D non-polymer 'ethyl (3S)-3-hydroxy-4-({(2S)-4-methyl-1-[(3-methylbutyl)amino]-1-oxopentan-2-yl}amino)-4-oxobutanoate' 'C17 H32 N2 O5'
#
# COMPACT_ATOMS: atom_id res chain seq x y z
N ALA A 1 -16.52 -6.65 13.46
CA ALA A 1 -15.56 -5.61 13.10
C ALA A 1 -16.09 -4.23 13.49
N PRO A 2 -15.19 -3.32 13.85
CA PRO A 2 -15.60 -1.95 14.17
C PRO A 2 -16.24 -1.28 12.97
N ARG A 3 -17.14 -0.34 13.25
CA ARG A 3 -17.76 0.42 12.17
C ARG A 3 -16.76 1.34 11.47
N SER A 4 -15.71 1.70 12.20
CA SER A 4 -14.70 2.64 11.67
C SER A 4 -13.31 2.25 12.15
N VAL A 5 -12.31 2.36 11.28
CA VAL A 5 -10.93 2.05 11.63
C VAL A 5 -10.03 3.07 10.94
N ASP A 6 -9.00 3.53 11.65
CA ASP A 6 -8.03 4.45 11.04
C ASP A 6 -6.70 4.26 11.74
N TRP A 7 -5.78 3.51 11.10
CA TRP A 7 -4.52 3.16 11.74
C TRP A 7 -3.58 4.34 11.89
N ARG A 8 -3.78 5.44 11.14
CA ARG A 8 -2.98 6.63 11.38
C ARG A 8 -3.16 7.13 12.80
N GLU A 9 -4.32 6.88 13.41
CA GLU A 9 -4.60 7.40 14.78
C GLU A 9 -3.75 6.65 15.80
N LYS A 10 -3.20 5.49 15.44
CA LYS A 10 -2.42 4.68 16.37
C LYS A 10 -0.94 4.63 16.01
N GLY A 11 -0.50 5.42 15.05
CA GLY A 11 0.92 5.51 14.75
C GLY A 11 1.48 4.44 13.85
N TYR A 12 0.62 3.75 13.09
CA TYR A 12 1.03 2.65 12.21
C TYR A 12 1.58 3.09 10.86
N VAL A 13 1.46 4.36 10.49
CA VAL A 13 1.61 4.77 9.09
C VAL A 13 2.65 5.89 9.00
N THR A 14 3.67 5.68 8.15
CA THR A 14 4.67 6.73 7.92
C THR A 14 4.04 7.88 7.14
N PRO A 15 4.69 9.05 7.12
CA PRO A 15 4.20 10.14 6.28
C PRO A 15 4.16 9.74 4.81
N VAL A 16 3.31 10.46 4.05
CA VAL A 16 3.10 10.15 2.65
C VAL A 16 4.39 10.33 1.87
N LYS A 17 4.66 9.39 0.96
CA LYS A 17 5.84 9.44 0.11
C LYS A 17 5.44 9.80 -1.32
N ASN A 18 6.44 9.88 -2.20
CA ASN A 18 6.19 10.32 -3.58
C ASN A 18 7.02 9.45 -4.52
N GLN A 19 6.34 8.62 -5.32
CA GLN A 19 7.07 7.75 -6.24
C GLN A 19 7.69 8.50 -7.42
N GLY A 20 7.25 9.73 -7.69
CA GLY A 20 7.86 10.43 -8.82
C GLY A 20 7.54 9.75 -10.14
N GLN A 21 8.41 9.99 -11.13
CA GLN A 21 8.21 9.46 -12.48
C GLN A 21 8.85 8.08 -12.61
N CYS A 22 8.31 7.15 -11.84
CA CYS A 22 8.78 5.76 -11.79
C CYS A 22 7.59 4.87 -11.47
N GLY A 23 7.39 3.82 -12.25
CA GLY A 23 6.25 2.92 -12.04
C GLY A 23 6.46 2.00 -10.85
N SER A 24 6.68 2.59 -9.67
CA SER A 24 7.09 1.85 -8.49
C SER A 24 6.01 1.82 -7.42
N CYS A 25 4.74 2.01 -7.80
CA CYS A 25 3.65 2.00 -6.82
C CYS A 25 3.70 0.74 -5.96
N TRP A 26 4.01 -0.40 -6.60
CA TRP A 26 4.08 -1.68 -5.90
C TRP A 26 5.05 -1.63 -4.73
N ALA A 27 6.18 -0.94 -4.90
CA ALA A 27 7.18 -0.88 -3.83
C ALA A 27 6.68 -0.05 -2.66
N PHE A 28 5.97 1.05 -2.96
CA PHE A 28 5.45 1.91 -1.89
C PHE A 28 4.29 1.25 -1.15
N SER A 29 3.42 0.55 -1.88
CA SER A 29 2.37 -0.20 -1.21
C SER A 29 2.97 -1.28 -0.32
N ALA A 30 4.04 -1.94 -0.79
CA ALA A 30 4.68 -2.99 -0.02
C ALA A 30 5.38 -2.44 1.22
N THR A 31 6.14 -1.35 1.08
CA THR A 31 6.76 -0.78 2.28
C THR A 31 5.71 -0.27 3.25
N GLY A 32 4.59 0.25 2.74
CA GLY A 32 3.53 0.70 3.62
C GLY A 32 2.99 -0.40 4.51
N ALA A 33 2.67 -1.56 3.93
CA ALA A 33 2.15 -2.67 4.72
C ALA A 33 3.20 -3.21 5.68
N LEU A 34 4.44 -3.35 5.20
CA LEU A 34 5.50 -3.87 6.07
C LEU A 34 5.80 -2.88 7.19
N GLU A 35 5.73 -1.58 6.92
CA GLU A 35 5.89 -0.61 8.00
C GLU A 35 4.82 -0.82 9.07
N GLY A 36 3.59 -1.10 8.65
CA GLY A 36 2.52 -1.34 9.62
C GLY A 36 2.77 -2.58 10.46
N GLN A 37 3.18 -3.68 9.82
CA GLN A 37 3.36 -4.92 10.56
C GLN A 37 4.60 -4.86 11.45
N MET A 38 5.64 -4.15 10.99
CA MET A 38 6.83 -4.03 11.81
C MET A 38 6.53 -3.19 13.06
N PHE A 39 5.71 -2.14 12.88
CA PHE A 39 5.31 -1.32 14.03
C PHE A 39 4.50 -2.14 15.03
N ARG A 40 3.55 -2.94 14.53
CA ARG A 40 2.79 -3.80 15.44
C ARG A 40 3.72 -4.73 16.19
N LYS A 41 4.76 -5.24 15.51
CA LYS A 41 5.66 -6.22 16.11
C LYS A 41 6.56 -5.58 17.17
N THR A 42 7.23 -4.48 16.81
CA THR A 42 8.27 -3.90 17.65
C THR A 42 7.89 -2.60 18.34
N GLY A 43 6.81 -1.94 17.92
CA GLY A 43 6.51 -0.61 18.41
C GLY A 43 7.35 0.50 17.78
N ARG A 44 8.19 0.18 16.82
CA ARG A 44 9.04 1.16 16.16
C ARG A 44 8.53 1.37 14.74
N LEU A 45 8.27 2.64 14.38
CA LEU A 45 7.82 3.01 13.04
C LEU A 45 9.02 3.54 12.27
N ILE A 46 9.50 2.76 11.31
CA ILE A 46 10.73 3.07 10.59
C ILE A 46 10.41 3.06 9.10
N SER A 47 10.69 4.17 8.42
CA SER A 47 10.48 4.23 6.99
C SER A 47 11.42 3.27 6.26
N LEU A 48 10.87 2.50 5.33
CA LEU A 48 11.58 1.44 4.63
C LEU A 48 11.91 1.83 3.18
N SER A 49 12.95 1.20 2.64
CA SER A 49 13.53 1.59 1.36
C SER A 49 12.75 0.99 0.19
N GLU A 50 12.01 1.83 -0.53
CA GLU A 50 11.44 1.39 -1.81
C GLU A 50 12.53 1.13 -2.83
N GLN A 51 13.64 1.89 -2.74
CA GLN A 51 14.74 1.73 -3.68
C GLN A 51 15.36 0.34 -3.59
N ASN A 52 15.52 -0.16 -2.37
CA ASN A 52 16.01 -1.54 -2.14
C ASN A 52 15.15 -2.51 -2.96
N LEU A 53 13.83 -2.36 -2.86
CA LEU A 53 12.94 -3.23 -3.62
C LEU A 53 13.10 -3.02 -5.12
N VAL A 54 13.20 -1.76 -5.55
CA VAL A 54 13.30 -1.44 -6.98
C VAL A 54 14.57 -2.05 -7.58
N ASP A 55 15.70 -1.94 -6.86
CA ASP A 55 16.97 -2.35 -7.43
C ASP A 55 17.20 -3.86 -7.33
N CYS A 56 16.60 -4.53 -6.35
CA CYS A 56 17.04 -5.87 -5.94
C CYS A 56 16.02 -7.00 -6.12
N SER A 57 14.73 -6.72 -6.28
CA SER A 57 13.72 -7.77 -6.29
C SER A 57 13.35 -8.26 -7.69
N GLY A 58 14.24 -8.04 -8.67
CA GLY A 58 14.05 -8.62 -9.99
C GLY A 58 13.92 -10.12 -10.02
N PRO A 59 14.75 -10.87 -9.27
CA PRO A 59 14.60 -12.34 -9.27
C PRO A 59 13.23 -12.83 -8.85
N GLN A 60 12.50 -12.06 -8.05
CA GLN A 60 11.16 -12.45 -7.61
C GLN A 60 10.06 -12.04 -8.59
N GLY A 61 10.41 -11.35 -9.67
CA GLY A 61 9.45 -10.98 -10.70
C GLY A 61 9.21 -9.49 -10.86
N ASN A 62 9.76 -8.66 -9.99
CA ASN A 62 9.52 -7.23 -10.12
C ASN A 62 10.39 -6.63 -11.23
N GLU A 63 9.96 -5.48 -11.74
CA GLU A 63 10.59 -4.88 -12.91
C GLU A 63 10.96 -3.42 -12.64
N GLY A 64 11.24 -3.09 -11.38
CA GLY A 64 11.71 -1.75 -11.07
C GLY A 64 10.67 -0.69 -11.39
N CYS A 65 11.08 0.32 -12.18
CA CYS A 65 10.17 1.38 -12.59
C CYS A 65 9.21 0.94 -13.69
N ASN A 66 9.34 -0.28 -14.22
CA ASN A 66 8.36 -0.83 -15.15
C ASN A 66 7.36 -1.75 -14.47
N GLY A 67 7.13 -1.57 -13.17
CA GLY A 67 6.05 -2.26 -12.49
C GLY A 67 6.52 -3.44 -11.66
N GLY A 68 5.57 -3.98 -10.90
CA GLY A 68 5.83 -5.09 -10.02
C GLY A 68 4.57 -5.45 -9.26
N LEU A 69 4.73 -6.30 -8.23
CA LEU A 69 3.61 -6.68 -7.36
C LEU A 69 4.05 -6.64 -5.91
N MET A 70 3.12 -6.32 -5.03
CA MET A 70 3.44 -6.25 -3.58
C MET A 70 3.83 -7.65 -3.06
N ASP A 71 3.17 -8.71 -3.56
CA ASP A 71 3.51 -10.05 -3.11
C ASP A 71 4.94 -10.43 -3.50
N TYR A 72 5.37 -10.05 -4.71
CA TYR A 72 6.77 -10.27 -5.10
C TYR A 72 7.73 -9.57 -4.15
N ALA A 73 7.38 -8.34 -3.73
CA ALA A 73 8.23 -7.60 -2.81
C ALA A 73 8.31 -8.31 -1.46
N PHE A 74 7.17 -8.79 -0.95
CA PHE A 74 7.18 -9.51 0.33
C PHE A 74 8.03 -10.76 0.23
N GLN A 75 7.97 -11.43 -0.93
CA GLN A 75 8.79 -12.62 -1.15
C GLN A 75 10.28 -12.26 -1.18
N TYR A 76 10.63 -11.13 -1.81
CA TYR A 76 12.03 -10.72 -1.81
C TYR A 76 12.54 -10.50 -0.40
N VAL A 77 11.77 -9.81 0.44
CA VAL A 77 12.24 -9.56 1.81
C VAL A 77 12.47 -10.87 2.53
N GLN A 78 11.55 -11.83 2.38
CA GLN A 78 11.73 -13.16 2.96
C GLN A 78 12.97 -13.85 2.39
N ASP A 79 13.08 -13.89 1.06
CA ASP A 79 14.22 -14.55 0.43
C ASP A 79 15.53 -13.92 0.86
N ASN A 80 15.57 -12.59 0.87
CA ASN A 80 16.77 -11.80 1.16
C ASN A 80 17.14 -11.79 2.63
N GLY A 81 16.18 -12.04 3.52
CA GLY A 81 16.47 -11.96 4.94
C GLY A 81 16.53 -10.56 5.51
N GLY A 82 15.94 -9.58 4.83
CA GLY A 82 15.91 -8.24 5.37
C GLY A 82 15.56 -7.22 4.32
N LEU A 83 15.41 -5.98 4.78
CA LEU A 83 15.14 -4.83 3.94
C LEU A 83 15.75 -3.61 4.61
N ASP A 84 16.46 -2.79 3.83
CA ASP A 84 17.12 -1.62 4.40
C ASP A 84 16.13 -0.52 4.72
N SER A 85 16.55 0.34 5.64
CA SER A 85 15.81 1.54 5.98
C SER A 85 15.78 2.51 4.80
N GLU A 86 14.76 3.36 4.80
CA GLU A 86 14.73 4.46 3.84
C GLU A 86 15.94 5.38 4.01
N GLU A 87 16.31 5.68 5.25
CA GLU A 87 17.40 6.61 5.52
C GLU A 87 18.68 6.15 4.83
N SER A 88 19.02 4.87 4.97
CA SER A 88 20.29 4.36 4.46
C SER A 88 20.28 4.05 2.97
N TYR A 89 19.10 3.91 2.37
CA TYR A 89 18.99 3.51 0.96
C TYR A 89 17.85 4.33 0.36
N PRO A 90 18.06 5.64 0.19
CA PRO A 90 16.93 6.54 -0.10
C PRO A 90 16.39 6.36 -1.52
N TYR A 91 15.16 6.85 -1.72
CA TYR A 91 14.44 6.64 -2.97
C TYR A 91 15.02 7.49 -4.10
N GLU A 92 15.21 6.86 -5.26
CA GLU A 92 15.84 7.53 -6.40
C GLU A 92 14.92 7.76 -7.59
N ALA A 93 13.74 7.12 -7.61
CA ALA A 93 12.80 7.18 -8.73
C ALA A 93 13.42 6.72 -10.05
N THR A 94 14.52 5.96 -9.97
CA THR A 94 15.11 5.26 -11.12
C THR A 94 15.76 3.99 -10.60
N GLU A 95 15.86 2.99 -11.46
CA GLU A 95 16.48 1.74 -11.04
C GLU A 95 17.98 1.79 -11.28
N GLU A 96 18.74 1.31 -10.29
CA GLU A 96 20.19 1.17 -10.37
C GLU A 96 20.55 -0.23 -9.90
N SER A 97 21.84 -0.54 -9.84
CA SER A 97 22.27 -1.86 -9.41
C SER A 97 21.96 -2.07 -7.93
N CYS A 98 21.70 -3.33 -7.56
CA CYS A 98 21.34 -3.66 -6.19
C CYS A 98 22.46 -3.30 -5.21
N LYS A 99 22.10 -2.59 -4.15
CA LYS A 99 23.05 -2.19 -3.12
C LYS A 99 22.56 -2.59 -1.73
N TYR A 100 21.81 -3.68 -1.63
CA TYR A 100 21.36 -4.15 -0.32
C TYR A 100 22.55 -4.38 0.60
N ASN A 101 22.44 -3.86 1.82
CA ASN A 101 23.46 -4.06 2.84
C ASN A 101 22.76 -4.59 4.08
N PRO A 102 23.02 -5.84 4.50
CA PRO A 102 22.35 -6.36 5.71
C PRO A 102 22.65 -5.56 6.96
N LYS A 103 23.74 -4.78 7.00
CA LYS A 103 24.04 -3.97 8.18
C LYS A 103 22.93 -2.97 8.47
N TYR A 104 22.25 -2.48 7.44
CA TYR A 104 21.21 -1.48 7.62
C TYR A 104 19.80 -2.05 7.45
N SER A 105 19.67 -3.36 7.54
CA SER A 105 18.36 -3.99 7.50
C SER A 105 17.57 -3.63 8.75
N VAL A 106 16.33 -3.20 8.59
CA VAL A 106 15.51 -2.85 9.76
C VAL A 106 14.16 -3.55 9.71
N ALA A 107 13.99 -4.47 8.76
CA ALA A 107 12.72 -5.16 8.64
C ALA A 107 12.94 -6.55 8.06
N ASN A 108 11.96 -7.39 8.30
CA ASN A 108 11.97 -8.75 7.71
CA ASN A 108 11.96 -8.75 7.69
C ASN A 108 10.49 -9.27 7.65
N ASP A 109 10.27 -10.25 6.80
CA ASP A 109 8.98 -10.90 6.84
C ASP A 109 9.14 -12.37 6.49
N THR A 110 8.15 -13.16 6.90
CA THR A 110 8.17 -14.61 6.76
C THR A 110 7.24 -15.09 5.67
N GLY A 111 6.74 -14.19 4.83
CA GLY A 111 5.80 -14.56 3.80
C GLY A 111 4.71 -13.52 3.65
N PHE A 112 3.56 -13.93 3.12
CA PHE A 112 2.46 -12.99 2.94
C PHE A 112 1.15 -13.76 2.93
N VAL A 113 0.05 -13.03 3.12
CA VAL A 113 -1.29 -13.58 3.09
C VAL A 113 -2.09 -12.83 2.04
N ASP A 114 -2.62 -13.57 1.06
CA ASP A 114 -3.56 -13.03 0.10
C ASP A 114 -4.97 -13.15 0.64
N ILE A 115 -5.68 -12.04 0.65
CA ILE A 115 -7.00 -11.93 1.28
C ILE A 115 -8.05 -12.43 0.29
N PRO A 116 -9.12 -13.09 0.74
CA PRO A 116 -10.19 -13.43 -0.20
C PRO A 116 -10.78 -12.19 -0.86
N LYS A 117 -11.24 -12.37 -2.09
CA LYS A 117 -11.58 -11.23 -2.94
C LYS A 117 -12.98 -10.70 -2.66
N GLN A 118 -13.24 -10.39 -1.41
CA GLN A 118 -14.54 -9.82 -1.01
C GLN A 118 -14.28 -8.62 -0.09
N GLU A 119 -15.07 -7.57 -0.24
CA GLU A 119 -14.83 -6.37 0.55
C GLU A 119 -15.00 -6.61 2.04
N LYS A 120 -15.89 -7.53 2.42
CA LYS A 120 -16.06 -7.74 3.85
C LYS A 120 -14.86 -8.51 4.39
N ALA A 121 -14.25 -9.38 3.58
CA ALA A 121 -12.99 -10.01 3.96
C ALA A 121 -11.89 -8.96 4.10
N LEU A 122 -11.85 -7.98 3.19
CA LEU A 122 -10.90 -6.90 3.32
C LEU A 122 -11.16 -6.11 4.61
N MET A 123 -12.42 -5.92 4.96
CA MET A 123 -12.76 -5.14 6.17
C MET A 123 -12.21 -5.85 7.42
N LYS A 124 -12.39 -7.15 7.52
CA LYS A 124 -11.89 -7.88 8.68
C LYS A 124 -10.37 -7.82 8.75
N ALA A 125 -9.70 -7.94 7.61
CA ALA A 125 -8.25 -7.86 7.60
C ALA A 125 -7.78 -6.50 8.11
N VAL A 126 -8.37 -5.42 7.59
CA VAL A 126 -7.99 -4.08 8.03
C VAL A 126 -8.21 -3.93 9.52
N ALA A 127 -9.33 -4.45 10.03
CA ALA A 127 -9.65 -4.30 11.44
C ALA A 127 -8.72 -5.09 12.35
N THR A 128 -8.23 -6.24 11.90
CA THR A 128 -7.49 -7.13 12.79
C THR A 128 -5.99 -7.20 12.53
N VAL A 129 -5.54 -6.81 11.34
CA VAL A 129 -4.12 -6.91 10.98
C VAL A 129 -3.44 -5.56 11.01
N GLY A 130 -4.04 -4.54 10.40
CA GLY A 130 -3.40 -3.27 10.18
C GLY A 130 -3.52 -2.85 8.73
N PRO A 131 -2.68 -1.92 8.29
CA PRO A 131 -2.75 -1.46 6.89
C PRO A 131 -2.50 -2.61 5.91
N ILE A 132 -3.20 -2.58 4.78
CA ILE A 132 -3.27 -3.68 3.82
C ILE A 132 -2.90 -3.17 2.44
N SER A 133 -1.99 -3.87 1.77
CA SER A 133 -1.66 -3.56 0.38
C SER A 133 -2.82 -3.97 -0.52
N VAL A 134 -3.23 -3.09 -1.43
CA VAL A 134 -4.31 -3.39 -2.37
C VAL A 134 -3.96 -2.85 -3.75
N ALA A 135 -4.67 -3.38 -4.74
CA ALA A 135 -4.62 -2.90 -6.10
C ALA A 135 -5.92 -2.19 -6.42
N ILE A 136 -5.84 -1.05 -7.11
CA ILE A 136 -7.02 -0.34 -7.58
C ILE A 136 -6.84 0.05 -9.04
N ASP A 137 -7.98 0.35 -9.68
CA ASP A 137 -8.03 0.97 -10.99
C ASP A 137 -7.88 2.48 -10.79
N ALA A 138 -6.68 2.99 -11.04
CA ALA A 138 -6.40 4.42 -10.93
C ALA A 138 -6.35 5.13 -12.26
N GLY A 139 -6.66 4.44 -13.36
CA GLY A 139 -6.50 5.00 -14.69
C GLY A 139 -7.69 5.82 -15.17
N HIS A 140 -8.05 6.85 -14.41
CA HIS A 140 -9.06 7.81 -14.87
C HIS A 140 -8.64 9.19 -14.39
N GLU A 141 -8.93 10.20 -15.19
CA GLU A 141 -8.55 11.59 -14.83
C GLU A 141 -9.27 12.02 -13.55
N SER A 142 -10.48 11.51 -13.33
CA SER A 142 -11.16 11.84 -12.08
C SER A 142 -10.32 11.46 -10.88
N PHE A 143 -9.54 10.38 -10.99
CA PHE A 143 -8.70 9.97 -9.88
C PHE A 143 -7.41 10.78 -9.85
N LEU A 144 -6.81 11.05 -11.01
CA LEU A 144 -5.57 11.81 -11.05
C LEU A 144 -5.74 13.19 -10.43
N PHE A 145 -6.89 13.82 -10.65
CA PHE A 145 -7.20 15.16 -10.19
C PHE A 145 -8.13 15.15 -8.98
N TYR A 146 -8.28 13.99 -8.33
CA TYR A 146 -9.07 13.89 -7.10
C TYR A 146 -8.62 14.92 -6.07
N LYS A 147 -9.60 15.52 -5.38
CA LYS A 147 -9.32 16.55 -4.40
C LYS A 147 -9.76 16.17 -3.00
N GLU A 148 -11.01 15.75 -2.82
CA GLU A 148 -11.56 15.47 -1.50
C GLU A 148 -12.86 14.69 -1.68
N GLY A 149 -13.37 14.15 -0.58
CA GLY A 149 -14.63 13.43 -0.60
C GLY A 149 -14.47 11.97 -0.95
N ILE A 150 -15.61 11.30 -1.10
CA ILE A 150 -15.63 9.88 -1.46
C ILE A 150 -15.54 9.75 -2.98
N TYR A 151 -14.43 9.19 -3.45
CA TYR A 151 -14.23 8.96 -4.87
C TYR A 151 -15.09 7.80 -5.34
N PHE A 152 -15.86 8.04 -6.40
CA PHE A 152 -16.63 7.00 -7.08
C PHE A 152 -16.61 7.30 -8.57
N GLU A 153 -16.05 6.39 -9.35
CA GLU A 153 -15.94 6.54 -10.81
C GLU A 153 -16.80 5.47 -11.47
N PRO A 154 -17.92 5.84 -12.10
CA PRO A 154 -18.80 4.81 -12.69
C PRO A 154 -18.09 3.91 -13.70
N ASP A 155 -17.03 4.39 -14.34
CA ASP A 155 -16.30 3.60 -15.33
C ASP A 155 -15.17 2.79 -14.72
N CYS A 156 -15.00 2.91 -13.42
CA CYS A 156 -13.89 2.12 -12.84
C CYS A 156 -14.15 0.63 -13.04
N SER A 157 -13.08 -0.13 -13.27
CA SER A 157 -13.12 -1.57 -13.43
C SER A 157 -12.75 -2.24 -12.12
N SER A 158 -13.42 -3.36 -11.84
CA SER A 158 -13.08 -4.18 -10.68
C SER A 158 -12.07 -5.28 -11.01
N GLU A 159 -11.62 -5.36 -12.27
CA GLU A 159 -10.62 -6.33 -12.68
C GLU A 159 -9.40 -5.72 -13.37
N ASP A 160 -9.48 -4.48 -13.85
CA ASP A 160 -8.35 -3.83 -14.50
C ASP A 160 -7.60 -2.91 -13.54
N MET A 161 -7.03 -3.51 -12.51
CA MET A 161 -6.29 -2.76 -11.52
C MET A 161 -4.89 -2.48 -12.04
N ASP A 162 -4.40 -1.26 -11.81
CA ASP A 162 -3.11 -0.86 -12.31
C ASP A 162 -2.23 -0.16 -11.29
N HIS A 163 -2.73 0.12 -10.09
CA HIS A 163 -2.05 0.97 -9.13
C HIS A 163 -2.11 0.35 -7.75
N GLY A 164 -0.93 0.09 -7.18
CA GLY A 164 -0.85 -0.47 -5.84
C GLY A 164 -0.79 0.65 -4.81
N VAL A 165 -1.69 0.57 -3.82
CA VAL A 165 -1.80 1.55 -2.74
C VAL A 165 -2.03 0.83 -1.42
N LEU A 166 -2.32 1.59 -0.36
CA LEU A 166 -2.40 1.04 0.99
C LEU A 166 -3.70 1.47 1.64
N VAL A 167 -4.51 0.51 2.07
CA VAL A 167 -5.73 0.80 2.83
C VAL A 167 -5.34 0.89 4.30
N VAL A 168 -5.51 2.07 4.90
CA VAL A 168 -5.17 2.29 6.30
C VAL A 168 -6.40 2.30 7.20
N GLY A 169 -7.58 2.10 6.66
CA GLY A 169 -8.76 2.04 7.48
C GLY A 169 -10.01 2.21 6.64
N TYR A 170 -11.12 2.41 7.33
CA TYR A 170 -12.42 2.58 6.67
C TYR A 170 -13.35 3.33 7.61
N GLY A 171 -14.46 3.80 7.05
CA GLY A 171 -15.42 4.52 7.86
C GLY A 171 -16.70 4.76 7.07
N PHE A 172 -17.50 5.68 7.60
CA PHE A 172 -18.77 6.06 7.01
C PHE A 172 -18.95 7.57 7.13
N GLU A 173 -19.54 8.16 6.10
CA GLU A 173 -19.76 9.60 6.04
C GLU A 173 -21.09 9.92 6.72
N SER A 174 -21.01 10.55 7.89
CA SER A 174 -22.22 10.91 8.58
C SER A 174 -23.02 11.89 7.74
N THR A 175 -24.26 11.49 7.38
CA THR A 175 -25.19 12.30 6.54
C THR A 175 -24.51 12.95 5.33
N SER A 177 -26.91 7.61 4.22
CA SER A 177 -27.15 6.18 4.54
C SER A 177 -27.15 5.37 3.26
N ASP A 178 -26.96 6.04 2.12
CA ASP A 178 -26.84 5.34 0.82
C ASP A 178 -25.51 5.78 0.21
N ASN A 179 -24.58 4.85 0.00
CA ASN A 179 -23.26 5.21 -0.52
C ASN A 179 -22.54 6.18 0.41
N ASN A 180 -22.45 5.80 1.68
CA ASN A 180 -21.82 6.64 2.70
C ASN A 180 -20.50 6.07 3.21
N LYS A 181 -20.19 4.82 2.89
CA LYS A 181 -19.00 4.16 3.42
C LYS A 181 -17.82 4.34 2.47
N TYR A 182 -16.62 4.33 3.04
CA TYR A 182 -15.42 4.55 2.26
C TYR A 182 -14.26 3.75 2.84
N TRP A 183 -13.30 3.47 1.97
CA TRP A 183 -11.98 3.00 2.38
C TRP A 183 -11.05 4.19 2.51
N LEU A 184 -10.19 4.17 3.53
CA LEU A 184 -9.16 5.18 3.68
C LEU A 184 -7.89 4.67 3.01
N VAL A 185 -7.52 5.35 1.92
CA VAL A 185 -6.38 4.86 1.11
C VAL A 185 -5.20 5.82 1.08
N LYS A 186 -4.03 5.32 1.45
CA LYS A 186 -2.78 6.06 1.33
C LYS A 186 -2.23 5.88 -0.08
N ASN A 187 -2.02 6.99 -0.79
CA ASN A 187 -1.42 6.99 -2.11
C ASN A 187 0.07 7.34 -1.98
N SER A 188 0.79 7.25 -3.09
CA SER A 188 2.24 7.53 -3.10
C SER A 188 2.58 8.66 -4.07
N TRP A 189 1.72 9.68 -4.14
CA TRP A 189 1.91 10.78 -5.09
C TRP A 189 2.24 12.09 -4.39
N GLY A 190 2.78 12.02 -3.19
CA GLY A 190 3.11 13.23 -2.45
C GLY A 190 1.95 13.72 -1.60
N GLU A 191 2.27 14.58 -0.64
CA GLU A 191 1.27 15.08 0.30
C GLU A 191 0.32 16.09 -0.33
N GLU A 192 0.66 16.65 -1.48
CA GLU A 192 -0.22 17.63 -2.10
C GLU A 192 -1.40 16.98 -2.81
N TRP A 193 -1.28 15.71 -3.21
CA TRP A 193 -2.35 15.07 -3.94
C TRP A 193 -3.49 14.70 -3.01
N GLY A 194 -4.72 14.95 -3.44
CA GLY A 194 -5.89 14.54 -2.66
C GLY A 194 -5.93 15.17 -1.28
N MET A 195 -6.33 14.39 -0.29
CA MET A 195 -6.51 14.87 1.08
C MET A 195 -5.24 14.55 1.87
N GLY A 196 -4.26 15.44 1.74
CA GLY A 196 -2.98 15.21 2.39
C GLY A 196 -2.28 13.97 1.89
N GLY A 197 -2.54 13.56 0.66
CA GLY A 197 -2.00 12.32 0.13
C GLY A 197 -2.94 11.14 0.22
N TYR A 198 -4.14 11.30 0.77
CA TYR A 198 -5.08 10.23 0.98
C TYR A 198 -6.31 10.43 0.09
N VAL A 199 -7.00 9.32 -0.18
CA VAL A 199 -8.25 9.34 -0.94
C VAL A 199 -9.26 8.45 -0.22
N LYS A 200 -10.50 8.92 -0.14
CA LYS A 200 -11.60 8.11 0.36
C LYS A 200 -12.27 7.43 -0.83
N MET A 201 -12.20 6.09 -0.86
CA MET A 201 -12.70 5.29 -1.98
C MET A 201 -14.00 4.61 -1.58
N ALA A 202 -15.00 4.67 -2.46
CA ALA A 202 -16.30 4.08 -2.20
C ALA A 202 -16.17 2.64 -1.70
N LYS A 203 -16.85 2.35 -0.60
CA LYS A 203 -16.82 1.04 0.04
C LYS A 203 -18.19 0.41 -0.03
N ASP A 204 -18.22 -0.92 -0.21
CA ASP A 204 -19.46 -1.69 -0.29
C ASP A 204 -20.35 -1.18 -1.42
N ARG A 205 -19.73 -0.86 -2.55
CA ARG A 205 -20.41 -0.50 -3.79
C ARG A 205 -19.91 -1.41 -4.91
N ARG A 206 -19.98 -2.72 -4.66
CA ARG A 206 -19.60 -3.77 -5.60
C ARG A 206 -18.11 -3.72 -5.96
N ASN A 207 -17.26 -3.82 -4.94
CA ASN A 207 -15.82 -3.89 -5.12
C ASN A 207 -15.35 -2.82 -6.12
N HIS A 208 -15.70 -1.58 -5.81
CA HIS A 208 -15.42 -0.49 -6.72
C HIS A 208 -13.92 -0.34 -6.96
N CYS A 209 -13.56 -0.14 -8.23
CA CYS A 209 -12.15 0.01 -8.68
C CYS A 209 -11.30 -1.20 -8.27
N GLY A 210 -11.91 -2.34 -7.93
CA GLY A 210 -11.18 -3.57 -7.67
C GLY A 210 -10.41 -3.61 -6.37
N ILE A 211 -10.74 -2.74 -5.41
CA ILE A 211 -9.95 -2.61 -4.19
C ILE A 211 -9.78 -3.93 -3.45
N ALA A 212 -10.75 -4.84 -3.56
CA ALA A 212 -10.70 -6.11 -2.85
C ALA A 212 -10.17 -7.25 -3.70
N SER A 213 -9.76 -7.01 -4.94
CA SER A 213 -9.41 -8.13 -5.81
C SER A 213 -7.97 -8.62 -5.62
N ALA A 214 -7.07 -7.78 -5.12
CA ALA A 214 -5.65 -8.14 -4.98
C ALA A 214 -5.09 -7.64 -3.65
N ALA A 215 -5.77 -7.94 -2.54
CA ALA A 215 -5.37 -7.45 -1.23
C ALA A 215 -4.44 -8.44 -0.52
N SER A 216 -3.42 -7.92 0.17
CA SER A 216 -2.46 -8.79 0.83
C SER A 216 -1.65 -8.02 1.86
N TYR A 217 -0.98 -8.77 2.73
CA TYR A 217 -0.12 -8.17 3.75
C TYR A 217 1.02 -9.14 4.06
N PRO A 218 2.15 -8.65 4.53
CA PRO A 218 3.24 -9.54 4.93
C PRO A 218 3.01 -10.10 6.31
N THR A 219 3.62 -11.28 6.50
CA THR A 219 3.64 -11.93 7.83
C THR A 219 5.01 -11.66 8.43
N VAL A 220 5.09 -11.34 9.72
CA VAL A 220 6.37 -11.03 10.38
C VAL A 220 6.60 -11.91 11.60
C14 E6D B . 6.08 -5.95 -13.81
C13 E6D B . 4.82 -6.81 -13.81
C15 E6D B . 4.68 -7.51 -12.46
C12 E6D B . 3.65 -5.88 -14.15
C11 E6D B . 2.32 -6.33 -13.50
N10 E6D B . 2.10 -5.45 -12.34
C8 E6D B . 1.43 -4.15 -12.52
O9 E6D B . 1.02 -3.76 -13.56
C7 E6D B . 1.24 -3.28 -11.26
C19 E6D B . -0.07 -3.64 -10.50
C20 E6D B . -0.29 -2.75 -9.29
C22 E6D B . 0.71 -3.11 -8.18
C21 E6D B . -1.72 -2.94 -8.81
N6 E6D B . 1.45 -1.86 -11.52
C4 E6D B . 2.75 -1.28 -11.22
O5 E6D B . 3.62 -1.95 -10.77
C3 E6D B . 2.96 0.22 -11.49
O1 E6D B . 2.37 0.55 -12.72
C2 E6D B . 2.16 1.01 -10.44
C16 E6D B . 2.38 2.49 -10.69
O18 E6D B . 3.40 2.99 -10.36
O17 E6D B . 1.39 3.23 -11.32
C23 E6D B . 1.26 4.54 -10.81
C24 E6D B . 1.77 5.53 -11.86
#